data_1QX2
#
_entry.id   1QX2
#
_cell.length_a   59.540
_cell.length_b   62.174
_cell.length_c   69.463
_cell.angle_alpha   90.00
_cell.angle_beta   90.00
_cell.angle_gamma   90.00
#
_symmetry.space_group_name_H-M   'C 2 2 21'
#
loop_
_entity.id
_entity.type
_entity.pdbx_description
1 polymer 'Vitamin D-dependent calcium-binding protein, intestinal'
2 non-polymer 'CALCIUM ION'
3 non-polymer 'ZINC ION'
4 water water
#
_entity_poly.entity_id   1
_entity_poly.type   'polypeptide(L)'
_entity_poly.pdbx_seq_one_letter_code
;(FME)KSPEEIKGAFEVFAAKEGDPNQISKEELKLVMQTLGPSLLKGMSTLDEMIEEVDKNGDGEVSFEEFLVMMKKISQ
;
_entity_poly.pdbx_strand_id   A,B
#
loop_
_chem_comp.id
_chem_comp.type
_chem_comp.name
_chem_comp.formula
CA non-polymer 'CALCIUM ION' 'Ca 2'
ZN non-polymer 'ZINC ION' 'Zn 2'
#
# COMPACT_ATOMS: atom_id res chain seq x y z
N FME A 1 -21.63 -6.03 10.26
CN FME A 1 -21.94 -4.73 10.24
O1 FME A 1 -21.44 -3.94 9.46
CA FME A 1 -20.71 -6.73 9.30
CB FME A 1 -19.25 -6.32 9.48
CG FME A 1 -18.60 -6.78 10.79
SD FME A 1 -16.87 -6.39 10.87
CE FME A 1 -16.16 -7.67 9.87
C FME A 1 -20.91 -8.21 9.52
O FME A 1 -21.33 -8.63 10.59
N LYS A 2 -20.61 -9.00 8.49
CA LYS A 2 -20.72 -10.45 8.59
C LYS A 2 -19.77 -11.00 9.67
N SER A 3 -20.15 -12.13 10.24
CA SER A 3 -19.35 -12.79 11.26
C SER A 3 -18.01 -13.25 10.68
N PRO A 4 -17.01 -13.49 11.52
CA PRO A 4 -15.74 -13.98 10.99
C PRO A 4 -15.92 -15.29 10.22
N GLU A 5 -16.84 -16.14 10.64
CA GLU A 5 -17.09 -17.42 9.95
C GLU A 5 -17.74 -17.19 8.59
N GLU A 6 -18.73 -16.30 8.51
CA GLU A 6 -19.33 -16.01 7.21
C GLU A 6 -18.28 -15.40 6.27
N ILE A 7 -17.49 -14.46 6.79
CA ILE A 7 -16.47 -13.83 5.97
C ILE A 7 -15.43 -14.85 5.52
N LYS A 8 -15.07 -15.77 6.40
CA LYS A 8 -14.08 -16.80 6.06
C LYS A 8 -14.57 -17.65 4.91
N GLY A 9 -15.86 -18.00 4.91
CA GLY A 9 -16.41 -18.79 3.83
C GLY A 9 -16.27 -18.13 2.48
N ALA A 10 -16.64 -16.85 2.41
CA ALA A 10 -16.49 -16.08 1.18
C ALA A 10 -15.02 -15.93 0.82
N PHE A 11 -14.19 -15.57 1.79
CA PHE A 11 -12.75 -15.43 1.54
C PHE A 11 -12.20 -16.69 0.89
N GLU A 12 -12.51 -17.85 1.46
CA GLU A 12 -11.92 -19.11 1.02
C GLU A 12 -12.25 -19.41 -0.42
N VAL A 13 -13.49 -19.13 -0.83
CA VAL A 13 -13.90 -19.38 -2.19
C VAL A 13 -13.10 -18.49 -3.15
N PHE A 14 -13.01 -17.19 -2.84
CA PHE A 14 -12.27 -16.28 -3.72
C PHE A 14 -10.77 -16.58 -3.75
N ALA A 15 -10.22 -17.01 -2.62
CA ALA A 15 -8.78 -17.22 -2.48
C ALA A 15 -8.29 -18.49 -3.14
N ALA A 16 -9.19 -19.45 -3.34
CA ALA A 16 -8.82 -20.75 -3.90
C ALA A 16 -9.09 -20.84 -5.39
N LYS A 17 -9.24 -19.70 -6.08
CA LYS A 17 -9.34 -19.74 -7.54
C LYS A 17 -7.99 -20.09 -8.20
N GLU A 18 -6.93 -19.42 -7.74
CA GLU A 18 -5.59 -19.49 -8.34
C GLU A 18 -4.49 -19.27 -7.28
N GLY A 19 -3.29 -19.69 -7.62
CA GLY A 19 -2.12 -19.39 -6.81
C GLY A 19 -2.24 -19.88 -5.37
N ASP A 20 -1.79 -19.05 -4.45
CA ASP A 20 -1.83 -19.37 -3.03
C ASP A 20 -3.31 -19.58 -2.64
N PRO A 21 -3.65 -20.74 -2.09
CA PRO A 21 -5.03 -20.96 -1.63
C PRO A 21 -5.46 -20.06 -0.48
N ASN A 22 -4.50 -19.46 0.22
CA ASN A 22 -4.76 -18.70 1.44
C ASN A 22 -4.64 -17.21 1.23
N GLN A 23 -4.45 -16.77 -0.02
CA GLN A 23 -4.41 -15.34 -0.32
C GLN A 23 -5.24 -15.08 -1.57
N ILE A 24 -5.80 -13.87 -1.63
CA ILE A 24 -6.52 -13.36 -2.78
C ILE A 24 -5.55 -12.47 -3.57
N SER A 25 -5.19 -12.91 -4.78
CA SER A 25 -4.33 -12.11 -5.65
C SER A 25 -5.10 -10.94 -6.21
N LYS A 26 -4.41 -10.01 -6.85
CA LYS A 26 -5.12 -8.89 -7.49
C LYS A 26 -6.15 -9.39 -8.51
N GLU A 27 -5.82 -10.43 -9.24
CA GLU A 27 -6.71 -10.98 -10.26
C GLU A 27 -7.93 -11.65 -9.58
N GLU A 28 -7.73 -12.29 -8.44
CA GLU A 28 -8.86 -12.83 -7.68
C GLU A 28 -9.67 -11.72 -7.05
N LEU A 29 -9.01 -10.63 -6.65
CA LEU A 29 -9.69 -9.49 -6.04
C LEU A 29 -10.61 -8.80 -7.06
N LYS A 30 -10.28 -8.92 -8.33
CA LYS A 30 -11.14 -8.42 -9.40
C LYS A 30 -12.52 -9.06 -9.30
N LEU A 31 -12.56 -10.36 -9.03
CA LEU A 31 -13.83 -11.08 -8.87
C LEU A 31 -14.55 -10.63 -7.59
N VAL A 32 -13.80 -10.38 -6.53
CA VAL A 32 -14.42 -9.83 -5.31
C VAL A 32 -15.05 -8.46 -5.63
N MET A 33 -14.32 -7.61 -6.34
CA MET A 33 -14.82 -6.29 -6.74
C MET A 33 -16.11 -6.38 -7.55
N GLN A 34 -16.16 -7.30 -8.51
CA GLN A 34 -17.34 -7.50 -9.34
C GLN A 34 -18.56 -7.94 -8.55
N THR A 35 -18.32 -8.65 -7.45
CA THR A 35 -19.37 -9.17 -6.60
C THR A 35 -19.88 -8.13 -5.58
N LEU A 36 -18.99 -7.32 -5.03
CA LEU A 36 -19.33 -6.30 -4.04
C LEU A 36 -19.75 -4.99 -4.69
N GLY A 37 -19.28 -4.75 -5.91
CA GLY A 37 -19.71 -3.63 -6.73
C GLY A 37 -20.03 -2.31 -6.05
N PRO A 38 -21.28 -1.89 -6.13
CA PRO A 38 -21.69 -0.57 -5.62
C PRO A 38 -21.70 -0.46 -4.10
N SER A 39 -21.43 -1.54 -3.37
CA SER A 39 -21.25 -1.44 -1.92
C SER A 39 -19.84 -0.97 -1.54
N LEU A 40 -18.91 -0.99 -2.48
CA LEU A 40 -17.55 -0.54 -2.20
C LEU A 40 -17.58 0.97 -2.02
N LEU A 41 -16.73 1.46 -1.12
CA LEU A 41 -16.74 2.88 -0.79
C LEU A 41 -15.97 3.69 -1.80
N LYS A 42 -16.36 4.95 -1.91
CA LYS A 42 -15.61 5.95 -2.67
C LYS A 42 -14.17 5.95 -2.19
N GLY A 43 -13.24 5.88 -3.14
CA GLY A 43 -11.83 5.79 -2.82
C GLY A 43 -11.27 4.39 -2.64
N MET A 44 -12.14 3.38 -2.63
CA MET A 44 -11.66 1.99 -2.60
C MET A 44 -12.54 1.13 -3.48
N SER A 45 -12.95 1.67 -4.63
CA SER A 45 -13.88 0.94 -5.49
C SER A 45 -13.35 0.58 -6.87
N THR A 46 -12.25 1.17 -7.32
CA THR A 46 -11.52 0.62 -8.47
C THR A 46 -10.64 -0.50 -7.96
N LEU A 47 -10.19 -1.38 -8.85
CA LEU A 47 -9.40 -2.52 -8.41
C LEU A 47 -8.12 -2.03 -7.75
N ASP A 48 -7.49 -1.03 -8.34
CA ASP A 48 -6.28 -0.47 -7.77
C ASP A 48 -6.51 0.15 -6.41
N GLU A 49 -7.53 0.99 -6.29
CA GLU A 49 -7.87 1.58 -5.00
C GLU A 49 -8.17 0.54 -3.93
N MET A 50 -8.87 -0.51 -4.35
CA MET A 50 -9.31 -1.54 -3.45
C MET A 50 -8.12 -2.25 -2.84
N ILE A 51 -7.21 -2.74 -3.68
CA ILE A 51 -6.11 -3.52 -3.15
C ILE A 51 -5.15 -2.62 -2.37
N GLU A 52 -4.98 -1.38 -2.80
CA GLU A 52 -4.15 -0.44 -2.06
C GLU A 52 -4.69 -0.17 -0.65
N GLU A 53 -6.01 -0.08 -0.52
CA GLU A 53 -6.63 0.09 0.78
C GLU A 53 -6.51 -1.18 1.62
N VAL A 54 -6.63 -2.33 0.98
CA VAL A 54 -6.82 -3.58 1.70
C VAL A 54 -5.49 -4.28 2.03
N ASP A 55 -4.52 -4.16 1.15
CA ASP A 55 -3.25 -4.86 1.31
C ASP A 55 -2.30 -4.15 2.24
N LYS A 56 -2.51 -4.34 3.52
CA LYS A 56 -1.79 -3.57 4.54
C LYS A 56 -0.29 -3.84 4.54
N ASN A 57 0.11 -5.10 4.33
CA ASN A 57 1.53 -5.44 4.37
C ASN A 57 2.27 -5.31 3.04
N GLY A 58 1.55 -4.95 1.98
CA GLY A 58 2.17 -4.61 0.71
C GLY A 58 2.81 -5.79 0.01
N ASP A 59 2.32 -7.01 0.26
CA ASP A 59 2.86 -8.16 -0.46
C ASP A 59 2.13 -8.38 -1.80
N GLY A 60 1.17 -7.51 -2.11
CA GLY A 60 0.43 -7.56 -3.36
C GLY A 60 -0.73 -8.52 -3.39
N GLU A 61 -1.03 -9.15 -2.24
CA GLU A 61 -2.15 -10.08 -2.11
C GLU A 61 -2.91 -9.78 -0.82
N VAL A 62 -4.10 -10.35 -0.71
CA VAL A 62 -5.02 -10.03 0.38
C VAL A 62 -5.21 -11.27 1.25
N SER A 63 -4.83 -11.16 2.51
CA SER A 63 -4.97 -12.25 3.48
C SER A 63 -6.37 -12.23 4.08
N PHE A 64 -6.70 -13.27 4.83
CA PHE A 64 -7.98 -13.32 5.52
C PHE A 64 -8.12 -12.14 6.47
N GLU A 65 -7.08 -11.87 7.25
CA GLU A 65 -7.13 -10.75 8.18
C GLU A 65 -7.36 -9.43 7.46
N GLU A 66 -6.72 -9.24 6.30
CA GLU A 66 -6.91 -8.03 5.51
C GLU A 66 -8.33 -7.97 4.93
N PHE A 67 -8.84 -9.10 4.48
CA PHE A 67 -10.18 -9.18 3.92
C PHE A 67 -11.23 -8.86 4.98
N LEU A 68 -11.03 -9.34 6.21
CA LEU A 68 -11.95 -9.04 7.31
C LEU A 68 -12.02 -7.54 7.54
N VAL A 69 -10.87 -6.88 7.57
CA VAL A 69 -10.81 -5.43 7.73
C VAL A 69 -11.57 -4.72 6.58
N MET A 70 -11.40 -5.20 5.35
CA MET A 70 -12.13 -4.66 4.20
C MET A 70 -13.63 -4.74 4.40
N MET A 71 -14.12 -5.88 4.85
CA MET A 71 -15.55 -6.08 5.01
C MET A 71 -16.09 -5.17 6.13
N LYS A 72 -15.31 -4.98 7.19
CA LYS A 72 -15.70 -4.05 8.24
C LYS A 72 -15.85 -2.64 7.69
N LYS A 73 -14.88 -2.21 6.90
CA LYS A 73 -14.89 -0.85 6.36
C LYS A 73 -16.08 -0.60 5.47
N ILE A 74 -16.40 -1.56 4.60
CA ILE A 74 -17.51 -1.44 3.66
C ILE A 74 -18.86 -1.27 4.37
N SER A 75 -19.06 -1.95 5.49
CA SER A 75 -20.36 -1.96 6.15
C SER A 75 -20.49 -0.94 7.29
N GLN A 76 -19.49 -0.05 7.38
CA GLN A 76 -19.45 1.11 8.29
C GLN A 76 -18.48 0.87 9.44
N FME B 1 -1.52 -0.62 1.25
CN FME B 1 -2.31 -0.80 2.30
O1 FME B 1 -2.09 -0.08 3.25
CA FME B 1 -0.42 0.15 0.61
CB FME B 1 0.87 0.01 1.44
CG FME B 1 1.44 -1.41 1.45
SD FME B 1 2.93 -1.55 2.38
CE FME B 1 4.08 -0.67 1.37
C FME B 1 -0.29 -0.25 -0.81
O FME B 1 -0.84 -1.24 -1.26
N LYS B 2 0.49 0.53 -1.55
CA LYS B 2 0.75 0.22 -2.95
C LYS B 2 1.56 -1.07 -3.06
N SER B 3 1.46 -1.72 -4.22
CA SER B 3 2.16 -2.98 -4.47
C SER B 3 3.67 -2.78 -4.54
N PRO B 4 4.45 -3.85 -4.41
CA PRO B 4 5.91 -3.74 -4.54
C PRO B 4 6.34 -3.10 -5.86
N GLU B 5 5.68 -3.44 -6.95
CA GLU B 5 6.02 -2.87 -8.28
C GLU B 5 5.66 -1.38 -8.36
N GLU B 6 4.51 -1.00 -7.83
CA GLU B 6 4.11 0.40 -7.84
C GLU B 6 5.07 1.25 -7.03
N ILE B 7 5.46 0.75 -5.85
CA ILE B 7 6.39 1.48 -5.00
C ILE B 7 7.75 1.57 -5.68
N LYS B 8 8.19 0.51 -6.37
CA LYS B 8 9.45 0.58 -7.09
C LYS B 8 9.40 1.65 -8.17
N GLY B 9 8.30 1.74 -8.91
CA GLY B 9 8.14 2.75 -9.94
C GLY B 9 8.23 4.17 -9.40
N ALA B 10 7.53 4.42 -8.31
CA ALA B 10 7.56 5.72 -7.67
C ALA B 10 8.98 6.01 -7.17
N PHE B 11 9.56 5.04 -6.49
CA PHE B 11 10.90 5.21 -5.94
C PHE B 11 11.89 5.57 -7.04
N GLU B 12 11.83 4.84 -8.14
CA GLU B 12 12.81 4.98 -9.19
C GLU B 12 12.72 6.35 -9.87
N VAL B 13 11.52 6.86 -10.04
CA VAL B 13 11.36 8.17 -10.69
C VAL B 13 11.97 9.24 -9.78
N PHE B 14 11.68 9.21 -8.49
CA PHE B 14 12.25 10.20 -7.59
C PHE B 14 13.76 10.01 -7.41
N ALA B 15 14.21 8.77 -7.36
CA ALA B 15 15.63 8.46 -7.13
C ALA B 15 16.53 8.79 -8.30
N ALA B 16 15.99 8.79 -9.52
CA ALA B 16 16.80 9.07 -10.70
C ALA B 16 17.00 10.57 -10.94
N LYS B 17 16.23 11.41 -10.27
CA LYS B 17 16.21 12.85 -10.55
C LYS B 17 17.61 13.49 -10.61
N GLU B 18 18.48 13.18 -9.66
CA GLU B 18 19.80 13.79 -9.60
C GLU B 18 20.86 12.69 -9.67
N GLY B 19 20.56 11.65 -10.44
CA GLY B 19 21.44 10.52 -10.58
C GLY B 19 21.36 9.59 -9.39
N ASP B 20 22.08 8.48 -9.48
CA ASP B 20 22.07 7.42 -8.47
C ASP B 20 20.65 6.95 -8.18
N PRO B 21 20.13 6.11 -9.07
CA PRO B 21 18.74 5.65 -8.97
C PRO B 21 18.52 4.64 -7.85
N ASN B 22 19.55 4.32 -7.09
CA ASN B 22 19.40 3.42 -5.95
C ASN B 22 19.11 4.14 -4.64
N GLN B 23 19.22 5.46 -4.65
CA GLN B 23 19.04 6.26 -3.45
C GLN B 23 18.35 7.57 -3.76
N ILE B 24 17.45 7.98 -2.89
CA ILE B 24 16.86 9.31 -2.92
C ILE B 24 17.63 10.19 -1.96
N SER B 25 18.37 11.14 -2.51
CA SER B 25 19.13 12.09 -1.71
C SER B 25 18.20 13.08 -1.03
N LYS B 26 18.73 13.86 -0.10
CA LYS B 26 17.94 14.89 0.56
C LYS B 26 17.35 15.83 -0.48
N GLU B 27 18.16 16.20 -1.46
CA GLU B 27 17.74 17.13 -2.49
C GLU B 27 16.55 16.53 -3.27
N GLU B 28 16.65 15.25 -3.63
CA GLU B 28 15.60 14.56 -4.37
C GLU B 28 14.36 14.29 -3.53
N LEU B 29 14.54 14.14 -2.22
CA LEU B 29 13.42 13.88 -1.32
C LEU B 29 12.47 15.07 -1.21
N LYS B 30 12.94 16.28 -1.52
CA LYS B 30 12.05 17.46 -1.50
C LYS B 30 10.77 17.22 -2.28
N LEU B 31 10.88 16.63 -3.47
CA LEU B 31 9.71 16.43 -4.33
C LEU B 31 8.82 15.30 -3.82
N VAL B 32 9.41 14.34 -3.12
CA VAL B 32 8.61 13.30 -2.49
C VAL B 32 7.76 13.95 -1.41
N MET B 33 8.38 14.81 -0.60
CA MET B 33 7.63 15.49 0.45
C MET B 33 6.51 16.35 -0.12
N GLN B 34 6.80 17.08 -1.19
CA GLN B 34 5.81 17.98 -1.78
C GLN B 34 4.62 17.25 -2.38
N THR B 35 4.86 16.09 -2.99
CA THR B 35 3.76 15.34 -3.60
C THR B 35 2.91 14.60 -2.59
N LEU B 36 3.53 13.91 -1.63
CA LEU B 36 2.77 13.14 -0.64
C LEU B 36 1.99 14.08 0.27
N GLY B 37 2.66 15.11 0.77
CA GLY B 37 2.02 16.16 1.56
C GLY B 37 1.77 15.79 3.00
N PRO B 38 1.27 16.75 3.79
CA PRO B 38 1.14 16.58 5.24
C PRO B 38 0.07 15.60 5.74
N SER B 39 -0.96 15.31 4.96
CA SER B 39 -1.95 14.32 5.39
C SER B 39 -1.41 12.89 5.34
N LEU B 40 -0.35 12.66 4.56
CA LEU B 40 0.31 11.36 4.56
C LEU B 40 1.53 11.42 5.48
N LEU B 41 2.32 12.47 5.36
CA LEU B 41 3.56 12.59 6.13
C LEU B 41 3.29 13.33 7.43
N LYS B 42 2.44 12.73 8.26
CA LYS B 42 1.99 13.37 9.48
C LYS B 42 3.14 13.57 10.44
N GLY B 43 3.18 14.71 11.10
CA GLY B 43 4.17 14.96 12.14
C GLY B 43 5.57 15.32 11.66
N MET B 44 5.74 15.50 10.35
CA MET B 44 7.04 15.88 9.79
C MET B 44 6.97 17.32 9.27
N SER B 45 7.57 18.22 10.04
CA SER B 45 7.43 19.65 9.79
C SER B 45 8.35 20.15 8.69
N THR B 46 9.51 19.49 8.53
CA THR B 46 10.50 19.87 7.53
C THR B 46 11.07 18.65 6.83
N LEU B 47 11.81 18.90 5.76
CA LEU B 47 12.53 17.86 5.04
C LEU B 47 13.48 17.09 5.96
N ASP B 48 14.18 17.76 6.86
CA ASP B 48 15.11 17.09 7.78
C ASP B 48 14.40 16.14 8.72
N GLU B 49 13.21 16.50 9.17
CA GLU B 49 12.44 15.61 10.01
C GLU B 49 11.91 14.41 9.24
N MET B 50 11.60 14.59 7.96
CA MET B 50 11.22 13.47 7.12
C MET B 50 12.38 12.48 6.94
N ILE B 51 13.58 12.97 6.66
CA ILE B 51 14.75 12.09 6.56
C ILE B 51 14.98 11.31 7.86
N GLU B 52 14.84 12.00 8.98
CA GLU B 52 15.00 11.36 10.28
C GLU B 52 14.08 10.16 10.49
N GLU B 53 12.84 10.27 10.02
CA GLU B 53 11.91 9.16 10.16
C GLU B 53 12.29 8.03 9.23
N VAL B 54 12.76 8.36 8.02
CA VAL B 54 12.86 7.39 6.94
C VAL B 54 14.25 6.74 6.80
N ASP B 55 15.31 7.50 7.04
CA ASP B 55 16.67 7.02 6.83
C ASP B 55 17.17 6.13 7.97
N LYS B 56 16.92 4.83 7.85
CA LYS B 56 17.23 3.86 8.90
C LYS B 56 18.72 3.60 9.12
N ASN B 57 19.52 3.66 8.05
CA ASN B 57 20.95 3.35 8.16
C ASN B 57 21.84 4.58 8.36
N GLY B 58 21.23 5.75 8.38
CA GLY B 58 21.95 6.98 8.73
C GLY B 58 22.95 7.48 7.70
N ASP B 59 22.81 7.07 6.44
CA ASP B 59 23.70 7.58 5.39
C ASP B 59 23.21 8.88 4.75
N GLY B 60 22.11 9.42 5.26
CA GLY B 60 21.56 10.68 4.79
C GLY B 60 20.75 10.59 3.52
N GLU B 61 20.54 9.37 3.02
CA GLU B 61 19.71 9.16 1.82
C GLU B 61 18.72 8.04 2.08
N VAL B 62 17.76 7.91 1.18
CA VAL B 62 16.67 6.96 1.33
C VAL B 62 16.79 5.86 0.28
N SER B 63 17.00 4.64 0.75
CA SER B 63 17.09 3.46 -0.11
C SER B 63 15.69 2.93 -0.44
N PHE B 64 15.62 1.98 -1.37
CA PHE B 64 14.36 1.37 -1.70
C PHE B 64 13.70 0.72 -0.49
N GLU B 65 14.46 -0.06 0.27
CA GLU B 65 13.92 -0.73 1.45
C GLU B 65 13.39 0.30 2.45
N GLU B 66 14.11 1.41 2.62
CA GLU B 66 13.66 2.46 3.54
C GLU B 66 12.39 3.14 3.04
N PHE B 67 12.31 3.36 1.73
CA PHE B 67 11.13 3.94 1.09
C PHE B 67 9.91 3.04 1.22
N LEU B 68 10.12 1.73 1.08
CA LEU B 68 9.04 0.76 1.25
C LEU B 68 8.48 0.85 2.66
N VAL B 69 9.35 0.92 3.65
CA VAL B 69 8.90 1.02 5.06
C VAL B 69 8.14 2.32 5.28
N MET B 70 8.64 3.42 4.72
CA MET B 70 7.92 4.68 4.77
C MET B 70 6.50 4.56 4.21
N MET B 71 6.37 3.97 3.03
CA MET B 71 5.07 3.84 2.37
C MET B 71 4.13 2.96 3.19
N LYS B 72 4.66 1.93 3.83
CA LYS B 72 3.85 1.06 4.70
C LYS B 72 3.33 1.82 5.92
N LYS B 73 4.16 2.68 6.50
CA LYS B 73 3.78 3.41 7.70
C LYS B 73 2.72 4.49 7.45
N ILE B 74 2.81 5.19 6.31
CA ILE B 74 1.93 6.33 6.06
C ILE B 74 0.65 5.96 5.30
N SER B 75 0.56 4.73 4.82
CA SER B 75 -0.59 4.28 4.04
C SER B 75 -1.58 3.55 4.94
CA CA C . -1.31 -8.49 2.00
CA CA D . -5.35 -17.35 -4.34
CA CA E . 19.51 5.48 4.20
ZN ZN F . -2.24 1.62 -7.70
ZN ZN G . 11.96 -0.33 -12.42
CA CA H . 19.30 9.55 -6.56
#